data_2FA7
#
_entry.id   2FA7
#
_cell.length_a   62.960
_cell.length_b   50.499
_cell.length_c   65.859
_cell.angle_alpha   90.00
_cell.angle_beta   107.50
_cell.angle_gamma   90.00
#
_symmetry.space_group_name_H-M   'P 1 21 1'
#
loop_
_entity.id
_entity.type
_entity.pdbx_description
1 polymer Lactotransferrin
2 branched 2-acetamido-2-deoxy-beta-D-glucopyranose-(1-4)-2-acetamido-2-deoxy-beta-D-glucopyranose
3 branched beta-D-mannopyranose-(1-4)-[beta-D-mannopyranose-(1-6)]alpha-D-mannopyranose-(1-4)-2-acetamido-2-deoxy-alpha-D-glucopyranose-(1-4)-2-acetamido-2-deoxy-beta-D-glucopyranose
4 branched alpha-D-mannopyranose-(1-4)-beta-D-mannopyranose-(1-4)-beta-D-mannopyranose-(1-4)-alpha-D-mannopyranose-(1-4)-2-acetamido-2-deoxy-beta-D-glucopyranose-(1-4)-2-acetamido-2-deoxy-beta-D-glucopyranose
5 branched 2-acetamido-2-deoxy-alpha-D-glucopyranose-(1-4)-2-acetamido-2-deoxy-beta-D-glucopyranose-(1-4)-2-acetamido-2-deoxy-beta-D-glucopyranose-(1-4)-2-acetamido-2-deoxy-beta-D-glucopyranose-(1-4)-2-acetamido-2-deoxy-beta-D-glucopyranose
6 non-polymer 'SULFATE ION'
7 non-polymer 'ZINC ION'
8 non-polymer 'FE (III) ION'
9 non-polymer 'CARBONATE ION'
10 water water
#
_entity_poly.entity_id   1
_entity_poly.type   'polypeptide(L)'
_entity_poly.pdbx_seq_one_letter_code
;YTRVVWCAVGPEEQKKCQQWSQQSGQNVTCATASTTDDCIVLVLKGEADALNLDGGYIYTAGKCGLVPVLAENRKSSKHS
SLDCVLRPTEGYLAVAVVKKANEGLTWNSLKDKKSCHTAVDRTAGWNIPMGLIVNQTGSCAFDEFFSQSCAPGADPKSRL
CALCAGDDQGLDKCVPNSKEKYYGYTGAFRCLAEDVGDVAFVKNDTVWENTNGESTADWAKNLKREDFRLLCLDGTRKPV
TEAQSCHLAVAPNHAVVSRSDRAAHVEQVLLHQQALFGKNGKNCPDKFCLFKSETKNLLFNDNTECLAKLGGRPTYEEYL
GTEYVTAIANLKKCSTSPLLEACAF
;
_entity_poly.pdbx_strand_id   A
#
loop_
_chem_comp.id
_chem_comp.type
_chem_comp.name
_chem_comp.formula
BMA D-saccharide, beta linking beta-D-mannopyranose 'C6 H12 O6'
CO3 non-polymer 'CARBONATE ION' 'C O3 -2'
FE non-polymer 'FE (III) ION' 'Fe 3'
MAN D-saccharide, alpha linking alpha-D-mannopyranose 'C6 H12 O6'
NAG D-saccharide, beta linking 2-acetamido-2-deoxy-beta-D-glucopyranose 'C8 H15 N O6'
NDG D-saccharide, alpha linking 2-acetamido-2-deoxy-alpha-D-glucopyranose 'C8 H15 N O6'
SO4 non-polymer 'SULFATE ION' 'O4 S -2'
ZN non-polymer 'ZINC ION' 'Zn 2'
#
# COMPACT_ATOMS: atom_id res chain seq x y z
N TYR A 1 -0.74 1.45 -32.55
CA TYR A 1 -1.37 2.61 -31.92
C TYR A 1 -1.10 2.67 -30.45
N THR A 2 -2.06 2.21 -29.72
CA THR A 2 -1.82 2.29 -28.34
C THR A 2 -1.58 0.93 -27.67
N ARG A 3 -0.38 0.78 -27.15
CA ARG A 3 0.08 -0.38 -26.39
C ARG A 3 0.74 0.12 -25.07
N VAL A 4 0.36 -0.38 -23.85
CA VAL A 4 0.96 0.04 -22.55
C VAL A 4 1.77 -1.07 -21.88
N VAL A 5 2.97 -0.72 -21.38
CA VAL A 5 3.80 -1.69 -20.66
C VAL A 5 3.67 -1.44 -19.16
N TRP A 6 3.17 -2.44 -18.44
CA TRP A 6 2.95 -2.34 -17.00
C TRP A 6 4.15 -2.86 -16.25
N CYS A 7 4.45 -2.29 -15.11
CA CYS A 7 5.58 -2.80 -14.36
C CYS A 7 5.15 -3.62 -13.14
N ALA A 8 5.38 -4.91 -13.17
CA ALA A 8 4.97 -5.76 -12.08
C ALA A 8 6.11 -5.92 -11.10
N VAL A 9 5.79 -5.92 -9.81
CA VAL A 9 6.77 -6.03 -8.76
C VAL A 9 6.75 -7.42 -8.14
N GLY A 10 7.80 -8.20 -8.42
CA GLY A 10 7.89 -9.56 -7.95
C GLY A 10 7.11 -10.53 -8.81
N PRO A 11 7.35 -11.82 -8.58
CA PRO A 11 6.78 -12.93 -9.38
C PRO A 11 5.26 -13.10 -9.33
N GLU A 12 4.62 -12.79 -8.20
CA GLU A 12 3.18 -12.97 -8.17
C GLU A 12 2.50 -11.91 -8.99
N GLU A 13 2.99 -10.68 -8.91
CA GLU A 13 2.42 -9.63 -9.75
C GLU A 13 2.70 -9.98 -11.18
N GLN A 14 3.91 -10.45 -11.45
CA GLN A 14 4.27 -10.82 -12.80
C GLN A 14 3.20 -11.74 -13.38
N LYS A 15 2.87 -12.79 -12.64
CA LYS A 15 1.88 -13.76 -13.08
C LYS A 15 0.51 -13.15 -13.33
N LYS A 16 0.07 -12.25 -12.45
CA LYS A 16 -1.23 -11.65 -12.68
C LYS A 16 -1.16 -10.79 -13.93
N CYS A 17 -0.07 -10.07 -14.10
CA CYS A 17 0.07 -9.18 -15.24
C CYS A 17 0.03 -9.95 -16.55
N GLN A 18 0.71 -11.09 -16.58
CA GLN A 18 0.73 -11.96 -17.76
C GLN A 18 -0.68 -12.36 -18.21
N GLN A 19 -1.54 -12.65 -17.24
CA GLN A 19 -2.91 -13.03 -17.54
C GLN A 19 -3.68 -11.85 -18.13
N TRP A 20 -3.56 -10.69 -17.50
CA TRP A 20 -4.22 -9.49 -17.97
C TRP A 20 -3.68 -9.25 -19.37
N SER A 21 -2.40 -9.54 -19.55
CA SER A 21 -1.77 -9.34 -20.84
C SER A 21 -2.43 -10.19 -21.92
N GLN A 22 -2.51 -11.49 -21.66
CA GLN A 22 -3.13 -12.40 -22.61
C GLN A 22 -4.59 -12.06 -22.87
N GLN A 23 -5.29 -11.56 -21.87
CA GLN A 23 -6.71 -11.21 -22.01
C GLN A 23 -6.94 -9.92 -22.79
N SER A 24 -6.00 -8.99 -22.69
CA SER A 24 -6.11 -7.72 -23.41
C SER A 24 -5.64 -7.84 -24.85
N GLY A 25 -5.39 -9.07 -25.29
CA GLY A 25 -4.91 -9.30 -26.63
C GLY A 25 -3.64 -8.50 -26.86
N GLN A 26 -2.85 -8.38 -25.80
CA GLN A 26 -1.58 -7.69 -25.88
C GLN A 26 -1.73 -6.18 -25.92
N ASN A 27 -2.91 -5.66 -25.61
CA ASN A 27 -3.06 -4.21 -25.54
C ASN A 27 -2.22 -3.70 -24.35
N VAL A 28 -2.05 -4.55 -23.36
CA VAL A 28 -1.18 -4.29 -22.23
C VAL A 28 -0.15 -5.39 -22.19
N THR A 29 1.08 -5.03 -21.82
CA THR A 29 2.12 -6.04 -21.67
C THR A 29 2.93 -5.79 -20.40
N CYS A 30 3.86 -6.68 -20.09
CA CYS A 30 4.52 -6.67 -18.78
C CYS A 30 6.04 -6.61 -18.68
N ALA A 31 6.49 -5.81 -17.72
CA ALA A 31 7.89 -5.76 -17.38
C ALA A 31 7.89 -6.19 -15.92
N THR A 32 8.98 -6.74 -15.44
CA THR A 32 8.99 -7.12 -14.04
C THR A 32 10.27 -6.69 -13.39
N ALA A 33 10.17 -6.29 -12.13
CA ALA A 33 11.37 -5.95 -11.38
C ALA A 33 11.20 -6.43 -9.96
N SER A 34 12.29 -6.37 -9.20
CA SER A 34 12.29 -6.84 -7.83
C SER A 34 11.69 -5.88 -6.82
N THR A 35 11.82 -4.58 -7.03
CA THR A 35 11.23 -3.69 -6.07
C THR A 35 10.54 -2.59 -6.79
N THR A 36 9.70 -1.89 -6.06
CA THR A 36 8.96 -0.77 -6.56
C THR A 36 9.95 0.26 -7.04
N ASP A 37 11.04 0.44 -6.29
CA ASP A 37 12.06 1.42 -6.64
C ASP A 37 12.64 1.12 -8.01
N ASP A 38 12.90 -0.15 -8.31
CA ASP A 38 13.41 -0.51 -9.62
C ASP A 38 12.40 -0.29 -10.73
N CYS A 39 11.15 -0.61 -10.44
CA CYS A 39 10.08 -0.41 -11.42
C CYS A 39 10.00 1.05 -11.82
N ILE A 40 10.15 1.94 -10.84
CA ILE A 40 10.13 3.37 -11.08
C ILE A 40 11.24 3.74 -12.06
N VAL A 41 12.44 3.19 -11.86
CA VAL A 41 13.57 3.36 -12.75
C VAL A 41 13.28 2.85 -14.17
N LEU A 42 12.61 1.71 -14.29
CA LEU A 42 12.28 1.22 -15.65
C LEU A 42 11.41 2.25 -16.39
N VAL A 43 10.54 2.93 -15.65
CA VAL A 43 9.62 3.89 -16.23
C VAL A 43 10.34 5.16 -16.65
N LEU A 44 11.29 5.58 -15.82
CA LEU A 44 12.11 6.73 -16.14
C LEU A 44 12.90 6.43 -17.40
N LYS A 45 13.42 5.21 -17.49
CA LYS A 45 14.18 4.82 -18.67
C LYS A 45 13.27 4.71 -19.89
N GLY A 46 11.97 4.53 -19.66
CA GLY A 46 11.02 4.40 -20.76
C GLY A 46 10.85 2.96 -21.20
N GLU A 47 11.38 2.03 -20.40
CA GLU A 47 11.30 0.61 -20.68
C GLU A 47 9.97 0.07 -20.13
N ALA A 48 9.39 0.82 -19.18
CA ALA A 48 8.05 0.53 -18.65
C ALA A 48 7.19 1.83 -18.70
N ASP A 49 5.87 1.70 -18.86
CA ASP A 49 5.00 2.90 -18.92
C ASP A 49 4.41 3.30 -17.58
N ALA A 50 4.01 2.32 -16.78
CA ALA A 50 3.22 2.68 -15.61
C ALA A 50 3.13 1.58 -14.57
N LEU A 51 2.68 1.97 -13.39
CA LEU A 51 2.34 1.09 -12.28
C LEU A 51 1.52 1.88 -11.25
N ASN A 52 0.81 1.13 -10.41
CA ASN A 52 -0.02 1.71 -9.37
C ASN A 52 0.84 1.76 -8.10
N LEU A 53 0.89 2.91 -7.42
CA LEU A 53 1.80 3.05 -6.28
C LEU A 53 1.15 3.61 -5.04
N ASP A 54 1.68 3.26 -3.88
CA ASP A 54 1.27 3.82 -2.61
C ASP A 54 1.78 5.26 -2.62
N GLY A 55 1.20 6.14 -1.82
CA GLY A 55 1.61 7.53 -1.79
C GLY A 55 3.03 7.82 -1.35
N GLY A 56 3.66 6.92 -0.62
CA GLY A 56 5.03 7.14 -0.22
C GLY A 56 5.94 7.02 -1.43
N TYR A 57 5.58 6.12 -2.33
CA TYR A 57 6.38 5.93 -3.53
C TYR A 57 6.01 7.01 -4.54
N ILE A 58 4.75 7.46 -4.52
CA ILE A 58 4.37 8.55 -5.40
C ILE A 58 5.28 9.74 -5.10
N TYR A 59 5.69 9.85 -3.86
CA TYR A 59 6.53 10.98 -3.48
C TYR A 59 7.92 10.83 -4.07
N THR A 60 8.46 9.61 -4.01
CA THR A 60 9.75 9.27 -4.58
C THR A 60 9.72 9.55 -6.07
N ALA A 61 8.72 8.96 -6.72
CA ALA A 61 8.56 9.07 -8.16
C ALA A 61 8.39 10.49 -8.58
N GLY A 62 7.72 11.28 -7.75
CA GLY A 62 7.43 12.67 -8.09
C GLY A 62 8.68 13.51 -8.25
N LYS A 63 9.61 13.36 -7.32
CA LYS A 63 10.85 14.10 -7.40
C LYS A 63 11.58 13.76 -8.70
N CYS A 64 11.33 12.55 -9.19
CA CYS A 64 11.94 12.08 -10.42
C CYS A 64 11.14 12.48 -11.66
N GLY A 65 10.06 13.23 -11.44
CA GLY A 65 9.30 13.75 -12.56
C GLY A 65 8.16 12.88 -13.05
N LEU A 66 7.78 11.83 -12.33
CA LEU A 66 6.63 11.02 -12.73
C LEU A 66 5.32 11.67 -12.24
N VAL A 67 4.21 11.35 -12.88
CA VAL A 67 2.97 12.00 -12.51
C VAL A 67 1.78 11.05 -12.32
N PRO A 68 0.96 11.41 -11.34
CA PRO A 68 -0.27 10.68 -11.03
C PRO A 68 -1.19 10.76 -12.21
N VAL A 69 -1.91 9.70 -12.53
CA VAL A 69 -2.74 9.69 -13.72
C VAL A 69 -4.19 9.31 -13.45
N LEU A 70 -4.38 8.35 -12.56
CA LEU A 70 -5.69 7.87 -12.18
C LEU A 70 -5.51 7.30 -10.78
N ALA A 71 -6.52 7.52 -9.93
CA ALA A 71 -6.44 7.05 -8.55
C ALA A 71 -7.38 5.89 -8.27
N GLU A 72 -7.00 5.07 -7.30
CA GLU A 72 -7.84 3.97 -6.83
C GLU A 72 -9.06 4.53 -6.11
N ASN A 73 -10.22 3.97 -6.37
CA ASN A 73 -11.42 4.44 -5.70
C ASN A 73 -12.20 3.26 -5.17
N ARG A 74 -12.42 3.23 -3.86
CA ARG A 74 -13.13 2.11 -3.21
C ARG A 74 -14.58 2.48 -2.88
N LYS A 75 -15.36 1.50 -2.45
CA LYS A 75 -16.78 1.72 -2.15
C LYS A 75 -17.08 2.97 -1.28
N SER A 76 -17.91 3.87 -1.78
CA SER A 76 -18.22 5.07 -1.03
C SER A 76 -19.58 4.99 -0.36
N SER A 77 -19.77 5.83 0.66
CA SER A 77 -21.05 5.95 1.35
C SER A 77 -21.57 7.35 1.02
N LYS A 78 -20.82 8.36 1.46
CA LYS A 78 -21.11 9.74 1.05
C LYS A 78 -20.55 9.89 -0.38
N HIS A 79 -21.10 10.87 -1.12
CA HIS A 79 -20.75 11.15 -2.53
C HIS A 79 -21.25 10.08 -3.50
N SER A 80 -22.43 9.55 -3.21
CA SER A 80 -22.99 8.39 -3.90
C SER A 80 -23.57 8.54 -5.33
N SER A 81 -24.12 9.70 -5.65
CA SER A 81 -24.76 9.87 -6.96
C SER A 81 -23.82 9.78 -8.16
N LEU A 82 -22.56 10.15 -7.96
CA LEU A 82 -21.62 10.18 -9.07
C LEU A 82 -21.11 8.80 -9.44
N ASP A 83 -20.83 8.62 -10.72
CA ASP A 83 -20.25 7.36 -11.18
C ASP A 83 -18.84 7.34 -10.62
N CYS A 84 -18.37 6.16 -10.25
CA CYS A 84 -17.07 5.97 -9.61
C CYS A 84 -15.91 6.71 -10.27
N VAL A 85 -15.81 6.64 -11.60
CA VAL A 85 -14.70 7.26 -12.32
C VAL A 85 -14.58 8.77 -12.15
N LEU A 86 -15.66 9.42 -11.77
CA LEU A 86 -15.66 10.87 -11.58
C LEU A 86 -15.80 11.27 -10.12
N ARG A 87 -16.09 10.22 -9.22
CA ARG A 87 -16.20 10.37 -7.76
C ARG A 87 -14.86 10.76 -7.14
N PRO A 88 -14.98 11.81 -6.28
CA PRO A 88 -13.82 12.30 -5.61
C PRO A 88 -13.17 11.17 -4.83
N THR A 89 -11.82 11.19 -4.65
CA THR A 89 -11.32 10.07 -3.82
C THR A 89 -11.39 10.46 -2.31
N GLU A 90 -11.73 9.46 -1.46
CA GLU A 90 -11.86 9.68 0.01
C GLU A 90 -10.54 9.61 0.81
N GLY A 91 -9.68 8.66 0.49
CA GLY A 91 -8.40 8.51 1.18
C GLY A 91 -8.56 7.34 2.13
N TYR A 92 -7.49 6.90 2.77
CA TYR A 92 -7.71 5.80 3.67
C TYR A 92 -7.17 6.11 5.04
N LEU A 93 -7.70 5.42 6.05
CA LEU A 93 -7.29 5.67 7.42
C LEU A 93 -6.07 4.83 7.80
N ALA A 94 -5.00 5.47 8.24
CA ALA A 94 -3.82 4.73 8.71
C ALA A 94 -4.02 4.43 10.19
N VAL A 95 -3.98 3.17 10.58
CA VAL A 95 -4.22 2.79 11.98
C VAL A 95 -3.10 1.93 12.55
N ALA A 96 -3.04 1.87 13.88
CA ALA A 96 -2.10 0.98 14.57
C ALA A 96 -2.98 -0.05 15.23
N VAL A 97 -2.76 -1.33 14.91
CA VAL A 97 -3.62 -2.41 15.38
C VAL A 97 -2.87 -3.34 16.32
N VAL A 98 -3.58 -3.82 17.35
CA VAL A 98 -3.04 -4.76 18.32
C VAL A 98 -4.07 -5.83 18.69
N LYS A 99 -3.63 -6.79 19.49
CA LYS A 99 -4.50 -7.86 19.97
C LYS A 99 -5.12 -7.41 21.28
N LYS A 100 -6.41 -7.61 21.42
CA LYS A 100 -7.07 -7.25 22.67
C LYS A 100 -6.38 -7.94 23.83
N ALA A 101 -6.12 -9.22 23.64
CA ALA A 101 -5.53 -10.06 24.66
C ALA A 101 -4.22 -9.53 25.18
N ASN A 102 -3.64 -8.58 24.45
CA ASN A 102 -2.39 -7.92 24.85
C ASN A 102 -2.75 -6.63 25.57
N GLU A 103 -3.30 -6.78 26.77
CA GLU A 103 -3.78 -5.67 27.59
C GLU A 103 -2.67 -4.73 28.01
N GLY A 104 -2.98 -3.48 28.24
CA GLY A 104 -1.93 -2.59 28.71
C GLY A 104 -0.99 -2.06 27.64
N LEU A 105 -1.13 -2.52 26.40
CA LEU A 105 -0.31 -1.94 25.35
C LEU A 105 -1.06 -0.75 24.75
N THR A 106 -0.43 0.42 24.78
CA THR A 106 -1.01 1.63 24.20
C THR A 106 0.09 2.32 23.43
N TRP A 107 -0.26 3.35 22.67
CA TRP A 107 0.69 4.16 21.93
C TRP A 107 1.86 4.62 22.79
N ASN A 108 1.59 4.82 24.09
CA ASN A 108 2.60 5.30 25.03
C ASN A 108 3.47 4.17 25.59
N SER A 109 3.30 2.96 25.13
CA SER A 109 4.15 1.88 25.63
C SER A 109 4.67 1.04 24.47
N LEU A 110 4.72 1.64 23.30
CA LEU A 110 5.22 0.95 22.11
C LEU A 110 6.73 0.69 22.20
N LYS A 111 7.47 1.55 22.87
CA LYS A 111 8.92 1.41 22.94
C LYS A 111 9.39 0.02 23.38
N ASP A 112 10.31 -0.56 22.61
CA ASP A 112 10.82 -1.89 22.88
C ASP A 112 9.85 -3.05 22.56
N LYS A 113 8.76 -2.76 21.85
CA LYS A 113 7.84 -3.81 21.43
C LYS A 113 8.16 -4.27 20.00
N LYS A 114 7.45 -5.30 19.54
CA LYS A 114 7.68 -5.83 18.21
C LYS A 114 6.68 -5.25 17.21
N SER A 115 7.18 -4.82 16.05
CA SER A 115 6.32 -4.16 15.06
C SER A 115 6.29 -4.81 13.68
N CYS A 116 5.16 -4.64 13.00
CA CYS A 116 4.93 -5.20 11.64
C CYS A 116 4.54 -4.04 10.73
N HIS A 117 5.37 -3.80 9.70
CA HIS A 117 5.19 -2.69 8.74
C HIS A 117 4.97 -3.25 7.34
N THR A 118 4.18 -2.57 6.52
CA THR A 118 3.92 -3.05 5.17
C THR A 118 5.20 -3.13 4.36
N ALA A 119 6.05 -2.13 4.55
CA ALA A 119 7.34 -2.03 3.87
C ALA A 119 7.91 -0.65 4.13
N VAL A 120 9.22 -0.52 4.15
CA VAL A 120 9.84 0.80 4.34
C VAL A 120 9.32 1.81 3.29
N ASP A 121 9.17 3.06 3.67
CA ASP A 121 8.75 4.09 2.73
C ASP A 121 7.29 4.13 2.33
N ARG A 122 6.50 3.18 2.79
CA ARG A 122 5.06 3.21 2.47
C ARG A 122 4.25 4.09 3.43
N THR A 123 3.06 4.52 3.05
CA THR A 123 2.32 5.50 3.86
C THR A 123 1.87 5.04 5.25
N ALA A 124 0.97 4.07 5.30
CA ALA A 124 0.45 3.60 6.57
C ALA A 124 1.46 2.76 7.35
N GLY A 125 2.29 1.99 6.64
CA GLY A 125 3.19 1.10 7.32
C GLY A 125 4.51 1.72 7.80
N TRP A 126 4.80 2.93 7.34
CA TRP A 126 6.10 3.48 7.68
C TRP A 126 6.13 4.98 7.91
N ASN A 127 5.80 5.73 6.85
CA ASN A 127 5.93 7.18 6.85
C ASN A 127 5.19 7.85 7.99
N ILE A 128 3.92 7.51 8.17
CA ILE A 128 3.13 8.14 9.20
C ILE A 128 3.60 7.80 10.61
N PRO A 129 3.62 6.51 10.95
CA PRO A 129 3.96 6.09 12.32
C PRO A 129 5.41 6.36 12.68
N MET A 130 6.32 6.23 11.73
CA MET A 130 7.71 6.55 12.03
C MET A 130 7.92 8.05 12.18
N GLY A 131 7.22 8.85 11.37
CA GLY A 131 7.31 10.29 11.47
C GLY A 131 6.79 10.74 12.83
N LEU A 132 5.65 10.19 13.23
CA LEU A 132 5.13 10.50 14.56
C LEU A 132 6.14 10.09 15.64
N ILE A 133 6.83 8.97 15.44
CA ILE A 133 7.72 8.47 16.48
C ILE A 133 8.99 9.28 16.53
N VAL A 134 9.44 9.73 15.37
CA VAL A 134 10.61 10.58 15.31
C VAL A 134 10.26 11.89 16.03
N ASN A 135 9.10 12.45 15.72
CA ASN A 135 8.73 13.74 16.32
C ASN A 135 8.69 13.75 17.86
N GLN A 136 7.90 12.88 18.45
CA GLN A 136 7.77 12.90 19.92
C GLN A 136 8.95 12.34 20.70
N THR A 137 9.95 11.83 20.00
CA THR A 137 11.09 11.24 20.68
C THR A 137 12.33 12.13 20.51
N GLY A 138 12.21 13.09 19.61
CA GLY A 138 13.34 13.95 19.27
C GLY A 138 14.42 13.24 18.50
N SER A 139 14.39 11.91 18.45
CA SER A 139 15.48 11.14 17.79
C SER A 139 15.19 10.59 16.39
N CYS A 140 16.19 10.68 15.52
CA CYS A 140 16.22 10.20 14.17
C CYS A 140 16.61 8.74 14.20
N ALA A 141 16.73 8.19 15.41
CA ALA A 141 17.21 6.80 15.54
C ALA A 141 16.14 5.67 15.43
N PHE A 142 15.03 5.83 14.66
CA PHE A 142 13.91 4.85 14.53
C PHE A 142 14.23 3.30 14.40
N ASP A 143 15.50 2.90 14.21
CA ASP A 143 15.87 1.50 14.16
C ASP A 143 16.04 1.01 15.59
N GLU A 144 15.97 1.96 16.54
CA GLU A 144 16.23 1.54 17.92
C GLU A 144 15.00 1.67 18.83
N PHE A 145 13.87 2.07 18.26
CA PHE A 145 12.64 2.23 19.04
C PHE A 145 11.94 0.90 19.32
N PHE A 146 11.85 0.04 18.32
CA PHE A 146 11.21 -1.27 18.49
C PHE A 146 12.30 -2.28 18.73
N SER A 147 12.03 -3.32 19.54
CA SER A 147 13.03 -4.32 19.82
C SER A 147 13.35 -5.11 18.54
N GLN A 148 12.29 -5.50 17.84
CA GLN A 148 12.40 -6.24 16.58
C GLN A 148 11.22 -5.86 15.70
N SER A 149 11.34 -6.05 14.40
CA SER A 149 10.27 -5.74 13.49
C SER A 149 10.38 -6.54 12.20
N CYS A 150 9.31 -6.51 11.42
CA CYS A 150 9.45 -6.93 10.05
C CYS A 150 9.17 -5.65 9.27
N ALA A 151 10.22 -5.06 8.69
CA ALA A 151 10.07 -3.88 7.84
C ALA A 151 10.73 -4.10 6.47
N PRO A 152 10.03 -4.76 5.57
CA PRO A 152 10.49 -4.97 4.19
C PRO A 152 11.16 -3.76 3.54
N GLY A 153 12.36 -4.01 3.00
CA GLY A 153 13.14 -2.99 2.34
C GLY A 153 14.26 -2.48 3.24
N ALA A 154 14.26 -2.89 4.50
CA ALA A 154 15.34 -2.51 5.41
C ALA A 154 16.47 -3.55 5.32
N ASP A 155 17.62 -3.25 5.91
CA ASP A 155 18.77 -4.16 5.90
C ASP A 155 18.40 -5.53 6.48
N PRO A 156 18.47 -6.57 5.67
CA PRO A 156 18.24 -7.96 6.08
C PRO A 156 18.88 -8.43 7.39
N LYS A 157 20.03 -7.87 7.76
CA LYS A 157 20.66 -8.30 9.00
C LYS A 157 20.43 -7.36 10.20
N SER A 158 19.60 -6.34 10.02
CA SER A 158 19.29 -5.44 11.12
C SER A 158 18.04 -5.88 11.85
N ARG A 159 17.81 -5.25 12.99
CA ARG A 159 16.63 -5.50 13.82
C ARG A 159 15.30 -5.25 13.09
N LEU A 160 15.31 -4.35 12.13
CA LEU A 160 14.10 -4.06 11.36
C LEU A 160 13.69 -5.16 10.38
N CYS A 161 14.52 -6.19 10.23
CA CYS A 161 14.17 -7.32 9.35
C CYS A 161 14.06 -8.59 10.17
N ALA A 162 14.37 -8.46 11.45
CA ALA A 162 14.43 -9.62 12.33
C ALA A 162 13.19 -10.52 12.33
N LEU A 163 12.03 -9.96 12.04
CA LEU A 163 10.79 -10.74 12.13
C LEU A 163 10.24 -11.21 10.79
N CYS A 164 10.90 -10.78 9.70
CA CYS A 164 10.48 -11.15 8.37
C CYS A 164 10.83 -12.63 8.13
N ALA A 165 10.03 -13.31 7.31
CA ALA A 165 10.14 -14.76 7.14
C ALA A 165 10.57 -15.24 5.76
N GLY A 166 10.53 -14.37 4.76
CA GLY A 166 10.90 -14.81 3.44
C GLY A 166 9.78 -15.65 2.87
N ASP A 167 10.11 -16.43 1.85
CA ASP A 167 9.13 -17.25 1.14
C ASP A 167 9.10 -18.69 1.62
N ASP A 168 8.19 -19.47 1.05
CA ASP A 168 8.14 -20.95 1.18
C ASP A 168 9.36 -21.52 1.81
N GLN A 169 10.47 -21.19 1.15
CA GLN A 169 11.77 -21.75 1.47
C GLN A 169 12.63 -20.93 2.37
N GLY A 170 12.14 -19.82 2.89
CA GLY A 170 13.01 -19.01 3.72
C GLY A 170 13.96 -18.12 2.93
N LEU A 171 13.81 -18.08 1.61
CA LEU A 171 14.61 -17.19 0.78
C LEU A 171 13.94 -15.81 0.68
N ASP A 172 14.71 -14.81 0.26
CA ASP A 172 14.18 -13.47 0.01
C ASP A 172 13.70 -12.76 1.26
N LYS A 173 14.26 -13.17 2.39
CA LYS A 173 13.90 -12.56 3.65
C LYS A 173 13.90 -11.04 3.58
N CYS A 174 12.78 -10.41 3.95
CA CYS A 174 12.71 -8.93 4.01
C CYS A 174 12.76 -8.21 2.65
N VAL A 175 12.52 -8.91 1.56
CA VAL A 175 12.41 -8.21 0.29
C VAL A 175 11.08 -7.52 0.27
N PRO A 176 11.05 -6.34 -0.31
CA PRO A 176 9.81 -5.54 -0.38
C PRO A 176 9.00 -5.97 -1.57
N ASN A 177 8.53 -7.21 -1.59
CA ASN A 177 7.63 -7.69 -2.63
C ASN A 177 6.87 -8.85 -2.06
N SER A 178 5.77 -9.26 -2.69
CA SER A 178 4.96 -10.31 -2.06
C SER A 178 5.62 -11.66 -1.80
N LYS A 179 6.83 -11.90 -2.31
CA LYS A 179 7.55 -13.11 -1.90
C LYS A 179 7.72 -13.17 -0.39
N GLU A 180 8.01 -12.02 0.23
CA GLU A 180 8.15 -11.96 1.67
C GLU A 180 6.76 -12.14 2.29
N LYS A 181 6.65 -13.15 3.15
CA LYS A 181 5.39 -13.54 3.78
C LYS A 181 4.67 -12.42 4.52
N TYR A 182 5.44 -11.56 5.17
CA TYR A 182 4.85 -10.48 5.93
C TYR A 182 4.94 -9.12 5.23
N TYR A 183 5.00 -9.12 3.91
CA TYR A 183 5.00 -7.88 3.12
C TYR A 183 3.61 -7.25 2.93
N GLY A 184 3.54 -5.91 2.77
CA GLY A 184 2.29 -5.23 2.43
C GLY A 184 1.23 -5.20 3.53
N TYR A 185 0.03 -4.71 3.21
CA TYR A 185 -1.07 -4.61 4.20
C TYR A 185 -1.39 -5.96 4.76
N THR A 186 -1.54 -6.94 3.88
CA THR A 186 -2.00 -8.26 4.30
C THR A 186 -0.95 -9.05 5.10
N GLY A 187 0.31 -8.89 4.74
CA GLY A 187 1.44 -9.54 5.41
C GLY A 187 1.70 -8.96 6.80
N ALA A 188 1.67 -7.64 6.92
CA ALA A 188 1.82 -6.99 8.22
C ALA A 188 0.68 -7.42 9.16
N PHE A 189 -0.55 -7.37 8.68
CA PHE A 189 -1.65 -7.82 9.49
C PHE A 189 -1.47 -9.30 9.89
N ARG A 190 -1.03 -10.16 8.96
CA ARG A 190 -0.77 -11.56 9.30
C ARG A 190 0.35 -11.69 10.34
N CYS A 191 1.30 -10.76 10.30
CA CYS A 191 2.43 -10.72 11.25
C CYS A 191 1.91 -10.48 12.68
N LEU A 192 0.90 -9.62 12.78
CA LEU A 192 0.26 -9.39 14.06
C LEU A 192 -0.62 -10.58 14.43
N ALA A 193 -1.39 -11.07 13.45
CA ALA A 193 -2.34 -12.16 13.73
C ALA A 193 -1.70 -13.45 14.22
N GLU A 194 -0.47 -13.70 13.79
CA GLU A 194 0.27 -14.90 14.20
C GLU A 194 1.08 -14.64 15.45
N ASP A 195 1.00 -13.43 15.98
CA ASP A 195 1.69 -13.10 17.20
C ASP A 195 3.18 -13.09 16.98
N VAL A 196 3.58 -12.87 15.73
CA VAL A 196 4.98 -12.67 15.49
C VAL A 196 5.29 -11.26 16.03
N GLY A 197 4.38 -10.31 15.79
CA GLY A 197 4.58 -8.97 16.32
C GLY A 197 3.51 -8.50 17.28
N ASP A 198 3.77 -7.37 17.96
CA ASP A 198 2.85 -6.80 18.94
C ASP A 198 1.90 -5.77 18.34
N VAL A 199 2.35 -5.11 17.27
CA VAL A 199 1.56 -4.09 16.62
C VAL A 199 1.82 -4.10 15.12
N ALA A 200 0.81 -3.69 14.36
CA ALA A 200 0.95 -3.65 12.93
C ALA A 200 0.44 -2.29 12.50
N PHE A 201 1.14 -1.71 11.53
CA PHE A 201 0.76 -0.44 10.99
C PHE A 201 0.22 -0.70 9.58
N VAL A 202 -1.10 -0.74 9.47
CA VAL A 202 -1.79 -1.03 8.23
C VAL A 202 -2.96 -0.09 8.15
N LYS A 203 -3.83 -0.25 7.18
CA LYS A 203 -5.00 0.62 7.08
C LYS A 203 -6.24 -0.05 7.64
N ASN A 204 -7.26 0.76 7.91
CA ASN A 204 -8.52 0.31 8.50
C ASN A 204 -9.19 -0.83 7.74
N ASP A 205 -9.08 -0.77 6.43
CA ASP A 205 -9.74 -1.72 5.56
C ASP A 205 -9.18 -3.15 5.75
N THR A 206 -7.89 -3.25 6.02
CA THR A 206 -7.22 -4.54 6.14
C THR A 206 -7.76 -5.39 7.28
N VAL A 207 -8.07 -4.74 8.39
CA VAL A 207 -8.58 -5.41 9.57
C VAL A 207 -9.92 -6.05 9.27
N TRP A 208 -10.74 -5.35 8.52
CA TRP A 208 -12.05 -5.86 8.16
C TRP A 208 -12.01 -6.92 7.08
N GLU A 209 -11.05 -6.82 6.16
CA GLU A 209 -11.01 -7.70 4.99
C GLU A 209 -10.41 -9.04 5.34
N ASN A 210 -9.88 -9.14 6.54
CA ASN A 210 -9.26 -10.39 6.97
C ASN A 210 -9.76 -10.99 8.28
N THR A 211 -10.95 -10.59 8.71
CA THR A 211 -11.56 -11.14 9.92
C THR A 211 -13.02 -11.56 9.68
N ASN A 212 -13.55 -12.36 10.59
CA ASN A 212 -14.96 -12.78 10.54
C ASN A 212 -15.39 -13.46 9.26
N GLY A 213 -14.54 -14.28 8.67
CA GLY A 213 -14.92 -14.98 7.46
C GLY A 213 -14.73 -14.26 6.13
N GLU A 214 -14.25 -13.01 6.13
CA GLU A 214 -14.05 -12.28 4.87
C GLU A 214 -12.91 -12.86 4.06
N SER A 215 -12.04 -13.60 4.72
CA SER A 215 -10.93 -14.21 4.03
C SER A 215 -10.90 -15.68 4.39
N THR A 216 -10.82 -16.54 3.38
CA THR A 216 -10.76 -17.96 3.64
C THR A 216 -9.31 -18.39 3.84
N ALA A 217 -8.41 -17.42 3.90
CA ALA A 217 -7.01 -17.75 4.15
C ALA A 217 -6.96 -18.47 5.49
N ASP A 218 -6.10 -19.47 5.56
CA ASP A 218 -5.96 -20.32 6.73
C ASP A 218 -5.40 -19.64 7.98
N TRP A 219 -4.75 -18.49 7.83
CA TRP A 219 -4.17 -17.86 9.00
C TRP A 219 -5.20 -16.92 9.56
N ALA A 220 -6.25 -16.72 8.76
CA ALA A 220 -7.29 -15.76 9.06
C ALA A 220 -8.71 -16.29 9.26
N LYS A 221 -9.09 -17.34 8.52
CA LYS A 221 -10.48 -17.80 8.57
C LYS A 221 -10.99 -17.81 10.01
N ASN A 222 -10.07 -17.98 10.95
CA ASN A 222 -10.43 -18.06 12.34
C ASN A 222 -10.34 -16.74 13.14
N LEU A 223 -9.95 -15.63 12.51
CA LEU A 223 -9.86 -14.36 13.23
C LEU A 223 -11.19 -13.59 13.39
N LYS A 224 -11.35 -12.96 14.56
CA LYS A 224 -12.53 -12.17 14.94
C LYS A 224 -12.17 -10.69 15.18
N ARG A 225 -12.90 -9.75 14.57
CA ARG A 225 -12.65 -8.32 14.80
C ARG A 225 -12.58 -7.97 16.29
N GLU A 226 -13.55 -8.42 17.08
CA GLU A 226 -13.52 -8.09 18.50
C GLU A 226 -12.19 -8.44 19.15
N ASP A 227 -11.42 -9.33 18.53
CA ASP A 227 -10.13 -9.72 19.10
C ASP A 227 -9.00 -8.71 18.89
N PHE A 228 -9.29 -7.65 18.14
CA PHE A 228 -8.29 -6.64 17.90
C PHE A 228 -8.69 -5.30 18.51
N ARG A 229 -7.72 -4.41 18.65
CA ARG A 229 -7.94 -3.06 19.11
C ARG A 229 -7.07 -2.09 18.30
N LEU A 230 -7.55 -0.87 18.09
CA LEU A 230 -6.79 0.19 17.43
C LEU A 230 -6.14 1.06 18.52
N LEU A 231 -4.89 1.47 18.34
CA LEU A 231 -4.25 2.40 19.29
C LEU A 231 -4.51 3.83 18.84
N CYS A 232 -5.18 4.62 19.67
CA CYS A 232 -5.44 6.03 19.36
C CYS A 232 -4.25 6.83 19.83
N LEU A 233 -4.12 8.06 19.35
CA LEU A 233 -2.98 8.90 19.73
C LEU A 233 -3.07 9.49 21.14
N ASP A 234 -4.26 9.46 21.74
CA ASP A 234 -4.45 10.00 23.09
C ASP A 234 -4.24 8.97 24.20
N GLY A 235 -3.80 7.77 23.87
CA GLY A 235 -3.45 6.80 24.89
C GLY A 235 -4.48 5.74 25.19
N THR A 236 -5.53 5.70 24.37
CA THR A 236 -6.60 4.77 24.59
C THR A 236 -6.66 3.71 23.50
N ARG A 237 -7.53 2.73 23.70
CA ARG A 237 -7.68 1.66 22.74
C ARG A 237 -9.14 1.63 22.38
N LYS A 238 -9.45 1.37 21.13
CA LYS A 238 -10.83 1.30 20.73
C LYS A 238 -11.09 0.09 19.87
N PRO A 239 -12.35 -0.32 19.79
CA PRO A 239 -12.78 -1.36 18.86
C PRO A 239 -12.56 -0.89 17.44
N VAL A 240 -12.28 -1.84 16.58
CA VAL A 240 -11.92 -1.51 15.22
C VAL A 240 -13.04 -0.84 14.49
N THR A 241 -14.20 -0.71 15.14
CA THR A 241 -15.36 0.01 14.57
C THR A 241 -15.19 1.53 14.70
N GLU A 242 -14.29 1.99 15.56
CA GLU A 242 -14.12 3.43 15.77
C GLU A 242 -13.03 4.08 14.92
N ALA A 243 -12.58 3.41 13.88
CA ALA A 243 -11.50 3.97 13.05
C ALA A 243 -11.60 5.49 12.78
N GLN A 244 -12.76 5.97 12.34
CA GLN A 244 -12.89 7.39 12.03
C GLN A 244 -12.56 8.27 13.24
N SER A 245 -12.38 7.67 14.40
CA SER A 245 -12.09 8.43 15.62
C SER A 245 -10.78 8.03 16.33
N CYS A 246 -10.10 7.00 15.80
CA CYS A 246 -8.88 6.48 16.38
C CYS A 246 -7.92 6.08 15.26
N HIS A 247 -7.38 7.07 14.54
CA HIS A 247 -6.46 6.76 13.44
C HIS A 247 -5.23 7.63 13.57
N LEU A 248 -4.15 7.26 12.89
CA LEU A 248 -2.94 8.06 12.95
C LEU A 248 -2.99 9.16 11.88
N ALA A 249 -3.70 8.90 10.80
CA ALA A 249 -3.83 9.89 9.71
C ALA A 249 -4.72 9.36 8.58
N VAL A 250 -5.06 10.26 7.67
CA VAL A 250 -5.84 9.88 6.50
C VAL A 250 -4.86 9.91 5.32
N ALA A 251 -4.71 8.77 4.63
CA ALA A 251 -3.75 8.66 3.54
C ALA A 251 -4.35 8.92 2.17
N PRO A 252 -3.61 9.56 1.28
CA PRO A 252 -4.05 9.71 -0.11
C PRO A 252 -4.09 8.33 -0.82
N ASN A 253 -5.04 8.12 -1.71
CA ASN A 253 -5.21 6.81 -2.32
C ASN A 253 -4.01 6.37 -3.16
N HIS A 254 -3.84 5.06 -3.30
CA HIS A 254 -2.81 4.56 -4.18
C HIS A 254 -3.25 5.05 -5.55
N ALA A 255 -2.28 5.33 -6.41
CA ALA A 255 -2.58 5.82 -7.74
C ALA A 255 -1.53 5.37 -8.76
N VAL A 256 -1.97 5.36 -10.00
CA VAL A 256 -1.17 4.99 -11.16
C VAL A 256 -0.35 6.21 -11.49
N VAL A 257 0.93 6.00 -11.78
CA VAL A 257 1.80 7.08 -12.19
C VAL A 257 2.46 6.69 -13.50
N SER A 258 2.94 7.68 -14.24
CA SER A 258 3.64 7.42 -15.50
C SER A 258 4.50 8.62 -15.82
N ARG A 259 5.39 8.52 -16.81
CA ARG A 259 6.14 9.70 -17.19
C ARG A 259 5.11 10.67 -17.69
N SER A 260 5.37 11.95 -17.50
CA SER A 260 4.43 12.95 -17.94
C SER A 260 4.10 12.89 -19.42
N ASP A 261 5.09 12.58 -20.24
CA ASP A 261 4.88 12.51 -21.69
C ASP A 261 4.09 11.27 -22.14
N ARG A 262 3.77 10.36 -21.21
CA ARG A 262 3.01 9.16 -21.53
C ARG A 262 1.64 9.15 -20.90
N ALA A 263 1.37 10.19 -20.11
CA ALA A 263 0.20 10.23 -19.24
C ALA A 263 -1.12 10.11 -19.97
N ALA A 264 -1.22 10.80 -21.10
CA ALA A 264 -2.46 10.81 -21.86
C ALA A 264 -2.75 9.45 -22.44
N HIS A 265 -1.73 8.80 -22.92
CA HIS A 265 -1.83 7.49 -23.52
C HIS A 265 -2.12 6.42 -22.49
N VAL A 266 -1.44 6.52 -21.35
CA VAL A 266 -1.69 5.60 -20.27
C VAL A 266 -3.12 5.74 -19.76
N GLU A 267 -3.60 6.99 -19.69
CA GLU A 267 -4.92 7.22 -19.15
C GLU A 267 -5.98 6.58 -20.02
N GLN A 268 -5.87 6.80 -21.33
CA GLN A 268 -6.84 6.29 -22.29
C GLN A 268 -7.00 4.77 -22.26
N VAL A 269 -5.89 4.06 -22.32
CA VAL A 269 -5.91 2.61 -22.35
C VAL A 269 -6.49 2.02 -21.07
N LEU A 270 -6.13 2.59 -19.93
CA LEU A 270 -6.61 2.03 -18.67
C LEU A 270 -8.11 2.23 -18.49
N LEU A 271 -8.60 3.42 -18.83
CA LEU A 271 -10.04 3.67 -18.81
C LEU A 271 -10.74 2.56 -19.61
N HIS A 272 -10.23 2.25 -20.80
CA HIS A 272 -10.78 1.19 -21.63
C HIS A 272 -10.64 -0.17 -20.95
N GLN A 273 -9.45 -0.43 -20.41
CA GLN A 273 -9.20 -1.68 -19.71
C GLN A 273 -10.15 -1.95 -18.53
N GLN A 274 -10.48 -0.93 -17.73
CA GLN A 274 -11.42 -1.17 -16.64
C GLN A 274 -12.85 -1.39 -17.19
N ALA A 275 -13.20 -0.73 -18.28
CA ALA A 275 -14.50 -0.98 -18.87
C ALA A 275 -14.61 -2.49 -19.08
N LEU A 276 -13.49 -3.10 -19.47
CA LEU A 276 -13.45 -4.54 -19.80
C LEU A 276 -13.26 -5.51 -18.62
N PHE A 277 -12.41 -5.16 -17.66
CA PHE A 277 -12.07 -6.11 -16.59
C PHE A 277 -12.26 -5.52 -15.20
N GLY A 278 -12.91 -4.36 -15.13
CA GLY A 278 -13.19 -3.71 -13.87
C GLY A 278 -14.35 -4.30 -13.09
N LYS A 279 -14.69 -3.61 -12.01
CA LYS A 279 -15.70 -4.04 -11.05
C LYS A 279 -17.01 -4.54 -11.69
N ASN A 280 -17.51 -3.83 -12.68
CA ASN A 280 -18.71 -4.32 -13.35
C ASN A 280 -18.47 -4.72 -14.80
N GLY A 281 -17.20 -4.68 -15.20
CA GLY A 281 -16.76 -4.93 -16.56
C GLY A 281 -17.37 -6.04 -17.42
N LYS A 282 -17.33 -5.79 -18.72
CA LYS A 282 -17.83 -6.69 -19.76
C LYS A 282 -17.40 -8.11 -19.51
N ASN A 283 -16.16 -8.27 -19.10
CA ASN A 283 -15.67 -9.61 -18.87
C ASN A 283 -15.48 -9.96 -17.41
N CYS A 284 -16.22 -9.32 -16.50
CA CYS A 284 -15.76 -9.47 -15.13
C CYS A 284 -16.07 -10.17 -13.84
N PRO A 285 -16.66 -11.33 -13.80
CA PRO A 285 -15.83 -12.42 -13.32
C PRO A 285 -15.73 -13.55 -14.36
N ASP A 286 -16.25 -13.38 -15.58
CA ASP A 286 -16.25 -14.49 -16.55
C ASP A 286 -14.86 -14.90 -17.00
N LYS A 287 -14.12 -13.95 -17.57
CA LYS A 287 -12.81 -14.26 -18.10
C LYS A 287 -11.68 -13.69 -17.25
N PHE A 288 -11.83 -12.45 -16.79
CA PHE A 288 -10.75 -11.84 -16.00
C PHE A 288 -11.17 -10.57 -15.22
N CYS A 289 -10.68 -10.48 -13.98
CA CYS A 289 -10.94 -9.35 -13.10
C CYS A 289 -9.64 -8.64 -12.66
N LEU A 290 -9.44 -7.43 -13.15
CA LEU A 290 -8.26 -6.64 -12.82
C LEU A 290 -8.14 -6.37 -11.33
N PHE A 291 -9.27 -6.33 -10.63
CA PHE A 291 -9.25 -5.95 -9.23
C PHE A 291 -9.37 -7.12 -8.24
N LYS A 292 -9.13 -8.33 -8.71
CA LYS A 292 -9.15 -9.45 -7.78
C LYS A 292 -7.86 -10.23 -7.86
N SER A 293 -7.36 -10.61 -6.69
CA SER A 293 -6.15 -11.42 -6.55
C SER A 293 -6.17 -12.15 -5.21
N GLU A 294 -7.35 -12.60 -4.80
CA GLU A 294 -7.49 -13.38 -3.58
C GLU A 294 -6.95 -12.73 -2.30
N THR A 295 -7.28 -11.46 -2.05
CA THR A 295 -6.86 -10.78 -0.80
C THR A 295 -5.36 -10.47 -0.78
N LYS A 296 -4.69 -10.79 -1.89
CA LYS A 296 -3.27 -10.58 -2.02
C LYS A 296 -2.91 -9.15 -2.47
N ASN A 297 -3.86 -8.45 -3.07
CA ASN A 297 -3.59 -7.08 -3.53
C ASN A 297 -2.49 -6.97 -4.59
N LEU A 298 -2.57 -7.79 -5.64
CA LEU A 298 -1.58 -7.76 -6.70
C LEU A 298 -1.90 -6.70 -7.75
N LEU A 299 -0.94 -5.82 -8.06
CA LEU A 299 -1.12 -4.68 -9.00
C LEU A 299 -2.07 -3.60 -8.47
N PHE A 300 -3.22 -4.01 -7.96
CA PHE A 300 -4.14 -3.06 -7.34
C PHE A 300 -4.65 -3.63 -6.05
N ASN A 301 -5.12 -2.78 -5.16
CA ASN A 301 -5.80 -3.25 -3.96
C ASN A 301 -7.09 -3.94 -4.35
N ASP A 302 -7.38 -5.06 -3.70
CA ASP A 302 -8.58 -5.84 -3.99
C ASP A 302 -9.89 -5.12 -3.71
N ASN A 303 -9.87 -4.10 -2.87
CA ASN A 303 -11.11 -3.38 -2.59
C ASN A 303 -11.37 -2.23 -3.56
N THR A 304 -10.67 -2.21 -4.69
CA THR A 304 -10.81 -1.12 -5.63
C THR A 304 -12.08 -1.26 -6.48
N GLU A 305 -12.93 -0.25 -6.48
CA GLU A 305 -14.14 -0.29 -7.28
C GLU A 305 -13.89 0.16 -8.71
N CYS A 306 -12.97 1.11 -8.85
CA CYS A 306 -12.57 1.58 -10.16
C CYS A 306 -11.39 2.51 -9.97
N LEU A 307 -10.77 2.88 -11.08
CA LEU A 307 -9.72 3.87 -11.14
C LEU A 307 -10.44 5.15 -11.52
N ALA A 308 -10.19 6.24 -10.79
CA ALA A 308 -10.93 7.47 -11.04
C ALA A 308 -10.07 8.58 -11.64
N LYS A 309 -10.69 9.37 -12.51
CA LYS A 309 -10.02 10.52 -13.08
C LYS A 309 -9.74 11.46 -11.94
N LEU A 310 -8.73 12.31 -12.11
CA LEU A 310 -8.31 13.20 -11.05
C LEU A 310 -8.93 14.60 -11.07
N GLY A 311 -8.87 15.32 -12.18
CA GLY A 311 -9.49 16.64 -12.19
C GLY A 311 -8.76 17.63 -11.29
N GLY A 312 -8.29 18.72 -11.90
CA GLY A 312 -7.47 19.68 -11.21
C GLY A 312 -6.08 19.46 -11.74
N ARG A 313 -5.92 18.41 -12.53
CA ARG A 313 -4.65 18.11 -13.16
C ARG A 313 -3.51 18.28 -12.16
N PRO A 314 -3.64 17.59 -11.04
CA PRO A 314 -2.70 17.66 -9.93
C PRO A 314 -1.22 17.38 -10.17
N THR A 315 -0.36 18.19 -9.58
CA THR A 315 1.04 17.78 -9.55
C THR A 315 1.10 16.77 -8.38
N TYR A 316 2.22 16.09 -8.23
CA TYR A 316 2.34 15.06 -7.22
C TYR A 316 2.25 15.65 -5.79
N GLU A 317 2.66 16.91 -5.63
CA GLU A 317 2.59 17.57 -4.33
C GLU A 317 1.13 17.88 -4.03
N GLU A 318 0.42 18.34 -5.05
CA GLU A 318 -1.00 18.65 -4.89
C GLU A 318 -1.78 17.38 -4.58
N TYR A 319 -1.41 16.28 -5.23
CA TYR A 319 -2.15 15.03 -5.05
C TYR A 319 -2.03 14.46 -3.64
N LEU A 320 -0.81 14.54 -3.09
CA LEU A 320 -0.51 13.98 -1.78
C LEU A 320 -0.94 14.94 -0.68
N GLY A 321 -1.00 16.23 -1.04
CA GLY A 321 -1.39 17.28 -0.13
C GLY A 321 -0.21 17.74 0.77
N THR A 322 -0.18 19.07 1.06
CA THR A 322 0.86 19.72 1.85
C THR A 322 1.05 19.09 3.23
N GLU A 323 0.01 18.68 3.88
CA GLU A 323 0.23 18.03 5.15
C GLU A 323 1.17 16.84 4.95
N TYR A 324 0.76 15.92 4.09
CA TYR A 324 1.51 14.68 3.90
C TYR A 324 2.92 14.91 3.40
N VAL A 325 3.08 15.85 2.49
CA VAL A 325 4.39 16.14 1.94
C VAL A 325 5.34 16.65 3.01
N THR A 326 4.84 17.38 4.00
CA THR A 326 5.77 17.89 4.99
C THR A 326 6.19 16.83 5.99
N ALA A 327 5.41 15.78 6.14
CA ALA A 327 5.81 14.73 7.04
C ALA A 327 6.92 13.91 6.38
N ILE A 328 6.80 13.66 5.08
CA ILE A 328 7.82 12.89 4.40
C ILE A 328 9.16 13.64 4.44
N ALA A 329 9.11 14.92 4.09
CA ALA A 329 10.30 15.77 4.08
C ALA A 329 11.03 15.69 5.42
N ASN A 330 10.30 15.97 6.50
CA ASN A 330 10.85 15.94 7.84
C ASN A 330 11.34 14.56 8.24
N LEU A 331 10.63 13.51 7.83
CA LEU A 331 11.08 12.16 8.13
C LEU A 331 12.33 11.85 7.31
N LYS A 332 12.31 12.23 6.03
CA LYS A 332 13.42 11.98 5.12
C LYS A 332 14.71 12.66 5.54
N LYS A 333 14.61 13.75 6.29
CA LYS A 333 15.79 14.43 6.83
C LYS A 333 16.54 13.51 7.80
N CYS A 334 15.87 12.46 8.24
CA CYS A 334 16.44 11.56 9.24
C CYS A 334 17.40 10.53 8.68
N SER A 335 17.05 9.94 7.54
CA SER A 335 17.95 8.94 6.94
C SER A 335 18.24 9.26 5.48
N LEU A 340 16.28 17.22 0.38
CA LEU A 340 14.96 17.85 0.36
C LEU A 340 14.51 18.08 -1.09
N GLU A 341 15.41 17.81 -2.03
CA GLU A 341 15.15 17.97 -3.47
C GLU A 341 16.15 17.11 -4.24
N ALA A 342 15.69 16.28 -5.17
CA ALA A 342 16.66 15.47 -5.94
C ALA A 342 16.18 14.47 -6.99
N CYS A 343 15.54 13.42 -6.54
CA CYS A 343 15.21 12.27 -7.35
C CYS A 343 16.36 11.28 -7.01
N ALA A 344 15.93 10.29 -6.26
CA ALA A 344 16.34 9.22 -5.45
C ALA A 344 17.18 8.37 -6.39
N PHE A 345 17.35 8.81 -7.63
CA PHE A 345 18.10 8.03 -8.60
C PHE A 345 18.96 8.89 -9.52
C1 NAG B . -7.00 -3.14 -28.09
C2 NAG B . -8.38 -3.51 -27.60
C3 NAG B . -9.42 -3.17 -28.66
C4 NAG B . -9.27 -1.74 -29.22
C5 NAG B . -7.83 -1.21 -29.24
C6 NAG B . -7.80 0.31 -29.15
C7 NAG B . -8.53 -5.32 -25.98
C8 NAG B . -8.98 -6.74 -25.75
N2 NAG B . -8.44 -4.92 -27.25
O3 NAG B . -10.69 -3.29 -28.09
O4 NAG B . -9.83 -1.68 -30.53
O5 NAG B . -7.00 -1.73 -28.20
O6 NAG B . -8.87 0.80 -28.37
O7 NAG B . -8.26 -4.60 -25.02
C1 NAG B . -10.58 -0.45 -30.71
C2 NAG B . -10.40 0.25 -32.07
C3 NAG B . -11.04 1.62 -31.96
C4 NAG B . -12.50 1.47 -31.59
C5 NAG B . -12.62 0.63 -30.32
C6 NAG B . -14.09 0.37 -30.00
C7 NAG B . -8.36 -0.36 -33.33
C8 NAG B . -7.30 0.29 -34.16
N2 NAG B . -9.00 0.43 -32.46
O3 NAG B . -10.93 2.33 -33.19
O4 NAG B . -13.07 2.75 -31.40
O5 NAG B . -11.97 -0.62 -30.49
O6 NAG B . -14.63 -0.39 -31.05
O7 NAG B . -8.58 -1.57 -33.44
C1 NAG C . 6.82 16.20 12.71
C2 NAG C . 5.56 16.19 11.84
C3 NAG C . 5.47 17.35 10.82
C4 NAG C . 5.89 18.68 11.45
C5 NAG C . 7.26 18.37 12.03
C6 NAG C . 8.02 19.63 12.44
C7 NAG C . 4.45 14.11 11.32
C8 NAG C . 4.38 12.86 10.49
N2 NAG C . 5.50 14.90 11.16
O3 NAG C . 4.17 17.43 10.28
O4 NAG C . 6.10 19.74 10.52
O5 NAG C . 7.11 17.52 13.13
O6 NAG C . 7.18 20.46 13.20
O7 NAG C . 3.53 14.35 12.10
C1 NDG C . 4.97 20.53 10.04
C2 NDG C . 5.50 21.86 9.50
C3 NDG C . 4.52 23.00 9.72
C4 NDG C . 3.09 22.58 9.45
C5 NDG C . 2.77 21.44 10.43
C6 NDG C . 1.79 20.41 9.86
C7 NDG C . 7.92 22.20 9.47
C8 NDG C . 9.16 22.41 10.29
O5 NDG C . 3.92 20.78 10.95
O3 NDG C . 4.88 24.06 8.88
O4 NDG C . 2.24 23.70 9.70
O6 NDG C . 1.44 20.73 8.53
O7 NDG C . 8.01 21.98 8.27
N2 NDG C . 6.75 22.26 10.12
C1 MAN C . 1.97 24.58 8.57
C2 MAN C . 3.24 25.32 8.10
C3 MAN C . 2.94 26.76 7.73
C4 MAN C . 1.67 26.68 6.91
C5 MAN C . 0.60 26.56 7.99
C6 MAN C . -0.81 26.36 7.47
O2 MAN C . 3.73 24.72 6.92
O3 MAN C . 3.99 27.32 6.98
O4 MAN C . 1.58 27.74 5.96
O5 MAN C . 0.92 25.50 8.89
O6 MAN C . -0.91 25.45 6.40
C1 BMA C . 0.84 28.94 6.34
C2 BMA C . 1.79 30.10 6.67
C3 BMA C . 1.01 31.34 7.08
C4 BMA C . -0.11 31.67 6.08
C5 BMA C . -0.88 30.41 5.66
C6 BMA C . -1.79 30.70 4.46
O2 BMA C . 2.60 30.38 5.55
O3 BMA C . 1.88 32.46 7.18
O4 BMA C . -0.98 32.60 6.68
O5 BMA C . 0.00 29.37 5.29
O6 BMA C . -2.17 29.48 3.86
C1 BMA C . -2.24 25.71 5.93
C2 BMA C . -2.52 25.32 4.48
C3 BMA C . -3.70 26.21 4.06
C4 BMA C . -4.48 26.77 5.26
C5 BMA C . -4.45 25.96 6.56
C6 BMA C . -5.70 25.08 6.72
O2 BMA C . -2.85 23.96 4.39
O3 BMA C . -4.59 25.50 3.20
O4 BMA C . -4.01 28.07 5.54
O5 BMA C . -3.28 25.17 6.72
O6 BMA C . -5.53 23.88 5.99
C1 NAG D . -12.95 0.72 7.42
C2 NAG D . -14.22 1.56 7.06
C3 NAG D . -15.41 0.63 6.87
C4 NAG D . -15.12 -0.47 5.86
C5 NAG D . -13.83 -1.17 6.25
C6 NAG D . -13.46 -2.26 5.25
C7 NAG D . -14.13 3.79 8.17
C8 NAG D . -14.67 4.60 9.31
N2 NAG D . -14.59 2.55 8.08
O3 NAG D . -16.53 1.35 6.42
O4 NAG D . -16.21 -1.38 5.85
O5 NAG D . -12.78 -0.23 6.38
O6 NAG D . -13.40 -1.73 3.94
O7 NAG D . -13.30 4.26 7.39
C1 NAG D . -16.92 -1.35 4.59
C2 NAG D . -17.86 -2.56 4.49
C3 NAG D . -18.73 -2.53 3.25
C4 NAG D . -19.48 -1.21 3.34
C5 NAG D . -18.41 -0.13 3.23
C6 NAG D . -19.01 1.24 2.91
C7 NAG D . -17.33 -4.62 5.62
C8 NAG D . -16.57 -5.91 5.65
N2 NAG D . -17.14 -3.82 4.57
O3 NAG D . -19.58 -3.65 3.27
O4 NAG D . -20.54 -0.99 2.41
O5 NAG D . -17.65 -0.15 4.43
O6 NAG D . -18.58 2.21 3.84
O7 NAG D . -18.08 -4.33 6.55
C1 MAN D . -20.86 -2.13 1.58
C2 MAN D . -20.99 -1.68 0.12
C3 MAN D . -22.39 -1.63 -0.47
C4 MAN D . -23.43 -2.56 0.14
C5 MAN D . -23.22 -3.02 1.59
C6 MAN D . -23.66 -4.48 1.69
O2 MAN D . -20.15 -2.49 -0.69
O3 MAN D . -22.33 -1.93 -1.85
O4 MAN D . -24.74 -1.98 -0.04
O5 MAN D . -21.91 -2.93 2.13
O6 MAN D . -22.61 -5.31 2.14
C1 BMA D . -25.08 -0.84 0.80
C2 BMA D . -24.08 0.31 0.70
C3 BMA D . -24.44 1.31 1.77
C4 BMA D . -25.81 1.91 1.50
C5 BMA D . -26.80 0.98 0.76
C6 BMA D . -27.27 1.55 -0.57
O2 BMA D . -24.10 0.91 -0.57
O3 BMA D . -23.45 2.30 1.84
O4 BMA D . -26.33 2.35 2.74
O5 BMA D . -26.39 -0.37 0.52
O6 BMA D . -26.91 2.91 -0.70
C1 BMA D . -27.78 2.38 2.77
C2 BMA D . -28.30 1.44 3.88
C3 BMA D . -29.55 1.85 4.67
C4 BMA D . -30.14 3.23 4.36
C5 BMA D . -29.19 4.23 3.69
C6 BMA D . -28.50 5.17 4.70
O2 BMA D . -27.23 1.15 4.78
O3 BMA D . -29.31 1.73 6.05
O4 BMA D . -31.29 3.06 3.55
O5 BMA D . -28.27 3.72 2.75
O6 BMA D . -27.11 5.18 4.49
C1 MAN D . -32.54 3.50 4.15
C2 MAN D . -32.80 4.97 3.84
C3 MAN D . -32.36 5.91 4.95
C4 MAN D . -32.92 5.41 6.27
C5 MAN D . -32.37 4.01 6.51
C6 MAN D . -32.82 3.49 7.87
O2 MAN D . -34.18 5.14 3.61
O3 MAN D . -32.81 7.22 4.70
O4 MAN D . -32.51 6.28 7.31
O5 MAN D . -32.79 3.12 5.50
O6 MAN D . -31.85 3.81 8.83
C1 NAG E . 0.28 29.64 -3.81
C2 NAG E . 0.71 28.59 -2.80
C3 NAG E . -0.47 27.92 -2.05
C4 NAG E . -1.78 28.72 -2.04
C5 NAG E . -1.86 29.92 -2.99
C6 NAG E . -2.86 30.97 -2.48
C7 NAG E . 2.94 27.65 -3.23
C8 NAG E . 3.72 26.44 -3.69
N2 NAG E . 1.61 27.64 -3.47
O3 NAG E . -0.05 27.70 -0.69
O4 NAG E . -2.85 27.86 -2.39
O5 NAG E . -0.60 30.53 -3.17
O6 NAG E . -2.41 32.23 -2.96
O7 NAG E . 3.53 28.56 -2.67
C1 NAG E . -2.76 26.43 -2.58
C2 NAG E . -3.41 25.63 -3.72
C3 NAG E . -3.48 24.11 -3.43
C4 NAG E . -2.14 23.58 -2.87
C5 NAG E . -1.67 24.56 -1.80
C6 NAG E . -0.34 24.11 -1.21
C7 NAG E . -5.09 26.72 -5.16
C8 NAG E . -6.44 27.37 -5.17
N2 NAG E . -4.76 26.10 -4.01
O3 NAG E . -3.79 23.47 -4.65
O4 NAG E . -2.07 22.28 -2.25
O5 NAG E . -1.49 25.85 -2.35
O6 NAG E . 0.68 24.33 -2.17
O7 NAG E . -4.35 26.74 -6.15
C1 NAG E . -2.98 21.18 -2.57
C2 NAG E . -4.04 21.05 -1.48
C3 NAG E . -5.27 20.20 -1.80
C4 NAG E . -5.46 19.79 -3.27
C5 NAG E . -4.23 19.98 -4.13
C6 NAG E . -4.65 20.06 -5.60
C7 NAG E . -3.27 21.41 0.76
C8 NAG E . -3.43 20.88 2.16
N2 NAG E . -3.45 20.55 -0.24
O3 NAG E . -6.41 20.93 -1.38
O4 NAG E . -5.98 18.48 -3.31
O5 NAG E . -3.61 21.20 -3.83
O6 NAG E . -4.89 21.41 -5.94
O7 NAG E . -3.00 22.61 0.58
C1 NAG E . -7.41 18.62 -3.46
C2 NAG E . -8.26 18.19 -2.25
C3 NAG E . -9.76 18.42 -2.53
C4 NAG E . -10.10 19.55 -3.53
C5 NAG E . -8.93 20.10 -4.36
C6 NAG E . -9.16 21.57 -4.70
C7 NAG E . -7.76 16.44 -0.58
C8 NAG E . -7.83 14.98 -0.23
N2 NAG E . -8.05 16.80 -1.84
O3 NAG E . -10.43 18.71 -1.31
O4 NAG E . -11.02 19.22 -4.56
O5 NAG E . -7.71 19.97 -3.68
O6 NAG E . -7.92 22.24 -4.77
O7 NAG E . -7.44 17.24 0.31
C1 NDG E . -11.87 18.06 -4.52
C2 NDG E . -11.23 16.76 -5.04
C3 NDG E . -10.62 16.93 -6.43
C4 NDG E . -11.68 17.55 -7.36
C5 NDG E . -12.30 18.75 -6.67
C6 NDG E . -13.26 19.44 -7.63
C7 NDG E . -10.55 15.02 -3.52
C8 NDG E . -9.57 14.48 -2.53
O5 NDG E . -12.91 18.34 -5.45
O3 NDG E . -10.18 15.69 -6.94
O4 NDG E . -11.10 17.96 -8.57
O6 NDG E . -14.35 18.58 -7.86
O7 NDG E . -11.58 14.38 -3.75
N2 NDG E . -10.26 16.17 -4.13
S SO4 F . -9.22 -3.07 26.14
O1 SO4 F . -8.37 -2.49 25.12
O2 SO4 F . -9.35 -2.13 27.26
O3 SO4 F . -10.55 -3.32 25.61
O4 SO4 F . -8.57 -4.31 26.58
ZN ZN G . -2.66 22.52 -9.75
ZN ZN H . -8.34 12.46 11.37
ZN ZN I . 0.24 4.00 -28.17
FE FE J . -0.78 2.55 1.21
C CO3 K . 0.79 1.64 2.87
O1 CO3 K . 0.63 0.97 1.76
O2 CO3 K . 0.13 2.75 2.98
O3 CO3 K . 1.56 1.25 3.83
#